data_7ZWX
#
_entry.id   7ZWX
#
_cell.length_a   67.252
_cell.length_b   67.252
_cell.length_c   165.146
_cell.angle_alpha   90.000
_cell.angle_beta   90.000
_cell.angle_gamma   120.000
#
_symmetry.space_group_name_H-M   'P 61 2 2'
#
loop_
_entity.id
_entity.type
_entity.pdbx_description
1 polymer 'B-cell lymphoma 6 protein'
2 polymer ALA-TRP-VAL-ILE-PRO-ALA
3 non-polymer 6-[1,3-benzodioxol-5-ylmethyl(methyl)amino]-1-~{tert}-butyl-5~{H}-pyrazolo[3,4-d]pyrimidin-4-one
4 non-polymer 1,2-ETHANEDIOL
5 non-polymer 'CHLORIDE ION'
6 non-polymer 'DIMETHYL SULFOXIDE'
7 water water
#
loop_
_entity_poly.entity_id
_entity_poly.type
_entity_poly.pdbx_seq_one_letter_code
_entity_poly.pdbx_strand_id
1 'polypeptide(L)'
;GPGADSCIQFTRHASDVLLNLNRLRSRDILTDVVIVVSREQFRAHKTVLMACSGLFYSIFTDQLKCNLSVINLDPEINPE
GFCILLDFMYTSRLNLREGNIMAVMATAMYLQMEHVVDTCRKFIKASE
;
A
2 'polypeptide(L)' AWVIPA B
#
loop_
_chem_comp.id
_chem_comp.type
_chem_comp.name
_chem_comp.formula
CL non-polymer 'CHLORIDE ION' 'Cl -1'
DMS non-polymer 'DIMETHYL SULFOXIDE' 'C2 H6 O S'
EDO non-polymer 1,2-ETHANEDIOL 'C2 H6 O2'
KA0 non-polymer 6-[1,3-benzodioxol-5-ylmethyl(methyl)amino]-1-~{tert}-butyl-5~{H}-pyrazolo[3,4-d]pyrimidin-4-one 'C18 H21 N5 O3'
#
# COMPACT_ATOMS: atom_id res chain seq x y z
N ALA A 4 -9.18 -0.30 28.46
CA ALA A 4 -10.48 -0.14 29.10
C ALA A 4 -11.64 -0.16 28.10
N ASP A 5 -12.82 -0.58 28.57
CA ASP A 5 -14.06 -0.64 27.79
C ASP A 5 -14.81 0.72 27.87
N SER A 6 -14.26 1.67 28.66
CA SER A 6 -14.85 3.00 28.85
C SER A 6 -14.26 4.09 27.91
N CYS A 7 -13.47 3.71 26.88
CA CYS A 7 -12.86 4.65 25.93
CA CYS A 7 -12.88 4.69 25.98
C CYS A 7 -13.91 5.40 25.09
N ILE A 8 -13.56 6.60 24.63
CA ILE A 8 -14.31 7.33 23.58
C ILE A 8 -13.43 7.19 22.33
N GLN A 9 -14.00 7.38 21.15
CA GLN A 9 -13.26 7.18 19.90
C GLN A 9 -13.41 8.39 18.98
N PHE A 10 -12.31 8.82 18.31
CA PHE A 10 -12.39 9.93 17.38
C PHE A 10 -12.51 9.26 16.01
N THR A 11 -13.69 9.33 15.43
N THR A 11 -13.70 9.32 15.41
CA THR A 11 -13.99 8.65 14.18
CA THR A 11 -14.05 8.66 14.14
C THR A 11 -12.94 8.89 13.09
C THR A 11 -13.12 8.95 12.96
N ARG A 12 -12.58 10.17 12.86
CA ARG A 12 -11.67 10.54 11.75
C ARG A 12 -10.21 10.29 12.03
N HIS A 13 -9.85 9.79 13.21
CA HIS A 13 -8.44 9.66 13.53
C HIS A 13 -7.64 8.81 12.55
N ALA A 14 -8.11 7.60 12.24
CA ALA A 14 -7.32 6.70 11.38
C ALA A 14 -7.12 7.31 10.01
N SER A 15 -8.19 7.87 9.41
N SER A 15 -8.20 7.91 9.46
N SER A 15 -8.20 7.90 9.44
CA SER A 15 -7.99 8.48 8.09
CA SER A 15 -8.17 8.57 8.15
CA SER A 15 -8.13 8.55 8.13
C SER A 15 -7.06 9.70 8.18
C SER A 15 -7.23 9.77 8.14
C SER A 15 -7.18 9.75 8.14
N ASP A 16 -7.15 10.51 9.26
CA ASP A 16 -6.25 11.68 9.39
C ASP A 16 -4.81 11.20 9.52
N VAL A 17 -4.57 10.10 10.25
CA VAL A 17 -3.20 9.58 10.34
C VAL A 17 -2.71 9.17 8.97
N LEU A 18 -3.55 8.45 8.21
CA LEU A 18 -3.10 7.98 6.91
C LEU A 18 -2.81 9.16 5.99
N LEU A 19 -3.68 10.20 6.06
CA LEU A 19 -3.45 11.41 5.23
C LEU A 19 -2.11 12.06 5.59
N ASN A 20 -1.78 12.12 6.89
CA ASN A 20 -0.51 12.72 7.28
C ASN A 20 0.66 11.81 6.88
N LEU A 21 0.50 10.48 6.93
CA LEU A 21 1.59 9.59 6.45
C LEU A 21 1.82 9.83 4.98
N ASN A 22 0.73 10.02 4.19
CA ASN A 22 0.92 10.25 2.75
C ASN A 22 1.60 11.60 2.51
N ARG A 23 1.30 12.61 3.38
CA ARG A 23 1.98 13.91 3.24
C ARG A 23 3.47 13.76 3.54
N LEU A 24 3.80 12.94 4.55
CA LEU A 24 5.23 12.68 4.82
C LEU A 24 5.89 12.01 3.62
N ARG A 25 5.20 11.00 3.01
CA ARG A 25 5.75 10.36 1.83
C ARG A 25 5.96 11.37 0.69
N SER A 26 4.97 12.24 0.43
N SER A 26 4.96 12.28 0.47
N SER A 26 4.96 12.27 0.45
CA SER A 26 5.13 13.18 -0.68
CA SER A 26 4.99 13.31 -0.59
CA SER A 26 5.01 13.28 -0.62
C SER A 26 6.37 14.07 -0.49
C SER A 26 6.20 14.22 -0.47
C SER A 26 6.16 14.29 -0.47
N ARG A 27 6.64 14.48 0.77
CA ARG A 27 7.75 15.36 1.11
C ARG A 27 9.04 14.60 1.38
N ASP A 28 8.99 13.28 1.25
CA ASP A 28 10.12 12.39 1.48
C ASP A 28 10.65 12.51 2.90
N ILE A 29 9.73 12.60 3.89
CA ILE A 29 10.11 12.74 5.27
C ILE A 29 10.11 11.38 5.94
N LEU A 30 11.26 10.98 6.51
CA LEU A 30 11.44 9.73 7.24
C LEU A 30 11.17 8.47 6.40
N THR A 31 11.17 8.60 5.07
CA THR A 31 11.08 7.40 4.22
C THR A 31 12.38 6.62 4.46
N ASP A 32 12.27 5.29 4.51
CA ASP A 32 13.41 4.46 4.92
C ASP A 32 13.66 3.29 4.00
N VAL A 33 12.96 3.25 2.85
CA VAL A 33 13.22 2.17 1.91
C VAL A 33 12.91 2.66 0.51
N VAL A 34 13.62 2.12 -0.47
CA VAL A 34 13.33 2.38 -1.87
C VAL A 34 12.92 1.02 -2.43
N ILE A 35 11.76 0.98 -3.08
CA ILE A 35 11.28 -0.25 -3.75
C ILE A 35 11.59 -0.05 -5.22
N VAL A 36 12.33 -1.00 -5.82
CA VAL A 36 12.69 -0.89 -7.22
C VAL A 36 11.87 -1.86 -8.05
N VAL A 37 11.19 -1.36 -9.10
CA VAL A 37 10.31 -2.16 -9.93
C VAL A 37 10.79 -1.90 -11.35
N SER A 38 11.70 -2.76 -11.79
N SER A 38 11.67 -2.77 -11.84
CA SER A 38 12.32 -2.60 -13.08
CA SER A 38 12.20 -2.65 -13.19
C SER A 38 13.11 -1.29 -13.11
C SER A 38 12.79 -1.27 -13.49
N ARG A 39 12.78 -0.39 -14.01
N ARG A 39 13.68 -0.84 -12.60
CA ARG A 39 13.53 0.85 -14.06
CA ARG A 39 14.37 0.46 -12.69
C ARG A 39 13.05 1.94 -13.08
C ARG A 39 13.52 1.72 -12.41
N GLU A 40 11.99 1.65 -12.34
N GLU A 40 12.31 1.52 -11.93
CA GLU A 40 11.39 2.66 -11.46
CA GLU A 40 11.45 2.60 -11.46
C GLU A 40 11.65 2.48 -9.97
C GLU A 40 11.63 2.48 -9.94
N GLN A 41 11.84 3.60 -9.27
CA GLN A 41 12.12 3.58 -7.83
C GLN A 41 11.01 4.29 -7.10
N PHE A 42 10.58 3.75 -5.95
CA PHE A 42 9.52 4.33 -5.16
C PHE A 42 9.98 4.40 -3.71
N ARG A 43 9.97 5.60 -3.12
CA ARG A 43 10.39 5.75 -1.74
C ARG A 43 9.16 5.55 -0.83
N ALA A 44 9.33 4.86 0.31
CA ALA A 44 8.16 4.65 1.17
C ALA A 44 8.64 4.43 2.58
N HIS A 45 7.67 4.20 3.48
CA HIS A 45 7.95 3.90 4.87
C HIS A 45 7.72 2.40 5.05
N LYS A 46 8.71 1.69 5.57
CA LYS A 46 8.56 0.25 5.77
C LYS A 46 7.33 -0.10 6.59
N THR A 47 7.05 0.66 7.64
CA THR A 47 5.88 0.28 8.45
C THR A 47 4.58 0.35 7.71
N VAL A 48 4.41 1.34 6.78
CA VAL A 48 3.15 1.41 6.04
C VAL A 48 3.10 0.23 5.09
N LEU A 49 4.23 -0.08 4.42
CA LEU A 49 4.23 -1.24 3.51
C LEU A 49 3.84 -2.53 4.24
N MET A 50 4.42 -2.76 5.45
CA MET A 50 4.14 -3.94 6.25
C MET A 50 2.69 -3.95 6.68
N ALA A 51 2.14 -2.79 7.01
CA ALA A 51 0.77 -2.76 7.52
C ALA A 51 -0.24 -3.06 6.41
N CYS A 52 0.17 -2.95 5.12
CA CYS A 52 -0.77 -3.15 3.99
C CYS A 52 -0.57 -4.42 3.22
N SER A 53 0.63 -4.93 3.21
CA SER A 53 1.01 -6.00 2.30
C SER A 53 1.56 -7.21 3.01
N GLY A 54 0.99 -8.40 2.73
CA GLY A 54 1.52 -9.62 3.33
C GLY A 54 2.97 -9.88 2.92
N LEU A 55 3.31 -9.55 1.65
CA LEU A 55 4.69 -9.74 1.19
C LEU A 55 5.64 -8.82 1.97
N PHE A 56 5.32 -7.51 2.08
CA PHE A 56 6.23 -6.62 2.82
C PHE A 56 6.29 -6.97 4.29
N TYR A 57 5.17 -7.48 4.86
CA TYR A 57 5.24 -7.91 6.25
C TYR A 57 6.26 -9.02 6.42
N SER A 58 6.23 -10.02 5.52
CA SER A 58 7.20 -11.11 5.58
C SER A 58 8.62 -10.60 5.37
N ILE A 59 8.81 -9.67 4.42
CA ILE A 59 10.14 -9.13 4.14
C ILE A 59 10.72 -8.39 5.34
N PHE A 60 9.97 -7.44 5.89
CA PHE A 60 10.53 -6.58 6.92
C PHE A 60 10.50 -7.20 8.31
N THR A 61 9.89 -8.40 8.48
CA THR A 61 10.01 -9.12 9.76
C THR A 61 11.18 -10.16 9.66
N ASP A 62 11.81 -10.29 8.48
CA ASP A 62 12.95 -11.19 8.37
C ASP A 62 14.16 -10.49 9.00
N GLN A 63 14.94 -11.23 9.80
CA GLN A 63 16.07 -10.68 10.53
C GLN A 63 17.17 -10.08 9.67
N LEU A 64 17.33 -10.50 8.39
CA LEU A 64 18.31 -9.89 7.51
C LEU A 64 17.67 -8.82 6.64
N LYS A 65 16.50 -9.10 6.04
CA LYS A 65 15.89 -8.16 5.09
C LYS A 65 15.35 -6.91 5.75
N CYS A 66 15.05 -6.97 7.06
CA CYS A 66 14.53 -5.82 7.79
C CYS A 66 15.50 -4.63 7.74
N ASN A 67 16.79 -4.90 7.50
CA ASN A 67 17.86 -3.91 7.49
C ASN A 67 18.19 -3.32 6.13
N LEU A 68 17.58 -3.87 5.07
CA LEU A 68 17.87 -3.40 3.72
C LEU A 68 17.20 -2.09 3.45
N SER A 69 17.91 -1.20 2.73
CA SER A 69 17.38 0.11 2.36
CA SER A 69 17.35 0.11 2.38
C SER A 69 16.77 0.10 0.96
N VAL A 70 17.00 -0.99 0.20
CA VAL A 70 16.50 -1.14 -1.16
C VAL A 70 15.93 -2.54 -1.27
N ILE A 71 14.76 -2.67 -1.86
CA ILE A 71 14.13 -3.95 -2.13
C ILE A 71 13.80 -4.00 -3.61
N ASN A 72 14.28 -5.06 -4.31
CA ASN A 72 14.02 -5.23 -5.74
C ASN A 72 12.90 -6.20 -5.94
N LEU A 73 11.81 -5.76 -6.57
CA LEU A 73 10.70 -6.68 -6.86
C LEU A 73 10.98 -7.51 -8.11
N ASP A 74 10.20 -8.59 -8.26
CA ASP A 74 10.27 -9.48 -9.41
C ASP A 74 10.15 -8.64 -10.71
N PRO A 75 10.98 -8.93 -11.74
CA PRO A 75 10.91 -8.14 -12.99
C PRO A 75 9.58 -8.22 -13.73
N GLU A 76 8.73 -9.20 -13.40
CA GLU A 76 7.42 -9.31 -14.06
C GLU A 76 6.43 -8.28 -13.49
N ILE A 77 6.76 -7.63 -12.36
CA ILE A 77 5.83 -6.67 -11.78
C ILE A 77 5.85 -5.38 -12.56
N ASN A 78 4.65 -4.91 -12.90
CA ASN A 78 4.45 -3.68 -13.66
C ASN A 78 4.62 -2.44 -12.76
N PRO A 79 5.50 -1.47 -13.10
CA PRO A 79 5.68 -0.28 -12.23
C PRO A 79 4.42 0.53 -12.03
N GLU A 80 3.57 0.69 -13.08
CA GLU A 80 2.36 1.45 -12.89
C GLU A 80 1.41 0.72 -11.93
N GLY A 81 1.32 -0.61 -12.04
CA GLY A 81 0.51 -1.39 -11.12
C GLY A 81 1.01 -1.19 -9.69
N PHE A 82 2.36 -1.25 -9.51
CA PHE A 82 2.89 -1.04 -8.17
C PHE A 82 2.56 0.38 -7.68
N CYS A 83 2.72 1.40 -8.55
CA CYS A 83 2.45 2.79 -8.16
C CYS A 83 0.98 2.93 -7.67
N ILE A 84 0.05 2.29 -8.40
CA ILE A 84 -1.37 2.38 -8.06
C ILE A 84 -1.61 1.73 -6.70
N LEU A 85 -0.94 0.60 -6.44
CA LEU A 85 -1.10 -0.07 -5.15
C LEU A 85 -0.45 0.69 -4.01
N LEU A 86 0.69 1.36 -4.27
CA LEU A 86 1.36 2.14 -3.23
C LEU A 86 0.48 3.33 -2.88
N ASP A 87 -0.15 3.95 -3.89
CA ASP A 87 -1.05 5.06 -3.61
C ASP A 87 -2.24 4.56 -2.79
N PHE A 88 -2.76 3.37 -3.11
CA PHE A 88 -3.87 2.81 -2.33
C PHE A 88 -3.45 2.59 -0.87
N MET A 89 -2.23 2.07 -0.66
CA MET A 89 -1.77 1.85 0.71
C MET A 89 -1.84 3.14 1.52
N TYR A 90 -1.42 4.25 0.90
CA TYR A 90 -1.34 5.53 1.62
C TYR A 90 -2.59 6.38 1.57
N THR A 91 -3.65 5.93 0.86
CA THR A 91 -4.85 6.77 0.74
C THR A 91 -6.17 6.07 0.85
N SER A 92 -6.20 4.73 0.74
N SER A 92 -6.19 4.72 0.71
CA SER A 92 -7.44 3.91 0.71
CA SER A 92 -7.37 3.86 0.68
C SER A 92 -8.12 3.99 -0.65
C SER A 92 -8.08 3.94 -0.68
N ARG A 93 -7.54 4.75 -1.62
CA ARG A 93 -8.18 4.93 -2.93
C ARG A 93 -7.42 4.18 -3.99
N LEU A 94 -8.16 3.37 -4.77
CA LEU A 94 -7.56 2.53 -5.82
C LEU A 94 -8.00 3.02 -7.18
N ASN A 95 -7.03 3.42 -8.01
CA ASN A 95 -7.33 3.93 -9.34
C ASN A 95 -7.43 2.76 -10.29
N LEU A 96 -8.56 2.08 -10.25
CA LEU A 96 -8.79 0.89 -11.06
C LEU A 96 -9.46 1.27 -12.38
N ARG A 97 -8.82 0.91 -13.50
CA ARG A 97 -9.33 1.27 -14.84
C ARG A 97 -9.25 0.05 -15.75
N GLU A 98 -10.00 0.05 -16.85
CA GLU A 98 -9.94 -1.08 -17.79
C GLU A 98 -8.50 -1.35 -18.22
N GLY A 99 -7.74 -0.28 -18.48
CA GLY A 99 -6.38 -0.37 -19.00
C GLY A 99 -5.33 -0.81 -17.98
N ASN A 100 -5.68 -0.81 -16.69
CA ASN A 100 -4.68 -1.23 -15.70
C ASN A 100 -5.13 -2.39 -14.82
N ILE A 101 -6.38 -2.85 -14.94
CA ILE A 101 -6.88 -3.84 -13.98
C ILE A 101 -6.08 -5.16 -13.94
N MET A 102 -5.67 -5.69 -15.10
CA MET A 102 -4.91 -6.93 -15.02
C MET A 102 -3.58 -6.76 -14.32
N ALA A 103 -2.88 -5.62 -14.57
CA ALA A 103 -1.59 -5.33 -13.91
C ALA A 103 -1.82 -5.08 -12.43
N VAL A 104 -2.89 -4.36 -12.07
CA VAL A 104 -3.15 -4.12 -10.64
C VAL A 104 -3.45 -5.44 -9.93
N MET A 105 -4.28 -6.30 -10.54
CA MET A 105 -4.62 -7.58 -9.90
C MET A 105 -3.36 -8.43 -9.71
N ALA A 106 -2.53 -8.55 -10.75
CA ALA A 106 -1.32 -9.36 -10.64
C ALA A 106 -0.40 -8.81 -9.57
N THR A 107 -0.30 -7.46 -9.49
CA THR A 107 0.58 -6.87 -8.49
C THR A 107 -0.01 -7.11 -7.08
N ALA A 108 -1.35 -7.00 -6.92
CA ALA A 108 -1.96 -7.22 -5.61
C ALA A 108 -1.79 -8.68 -5.17
N MET A 109 -1.85 -9.65 -6.12
CA MET A 109 -1.63 -11.06 -5.77
C MET A 109 -0.21 -11.24 -5.25
N TYR A 110 0.76 -10.64 -5.95
CA TYR A 110 2.18 -10.72 -5.55
C TYR A 110 2.40 -10.06 -4.18
N LEU A 111 1.82 -8.88 -3.99
CA LEU A 111 2.00 -8.17 -2.70
C LEU A 111 1.14 -8.74 -1.58
N GLN A 112 0.26 -9.71 -1.89
CA GLN A 112 -0.62 -10.34 -0.90
C GLN A 112 -1.52 -9.28 -0.26
N MET A 113 -2.33 -8.63 -1.13
CA MET A 113 -3.29 -7.59 -0.73
C MET A 113 -4.66 -8.11 -1.16
N GLU A 114 -5.24 -8.97 -0.33
CA GLU A 114 -6.45 -9.73 -0.68
C GLU A 114 -7.67 -8.91 -1.01
N HIS A 115 -7.89 -7.76 -0.32
CA HIS A 115 -9.07 -6.94 -0.63
C HIS A 115 -9.02 -6.34 -2.02
N VAL A 116 -7.81 -5.94 -2.47
CA VAL A 116 -7.65 -5.42 -3.83
C VAL A 116 -7.85 -6.57 -4.81
N VAL A 117 -7.27 -7.75 -4.53
CA VAL A 117 -7.47 -8.90 -5.45
C VAL A 117 -8.96 -9.18 -5.61
N ASP A 118 -9.72 -9.12 -4.51
N ASP A 118 -9.70 -9.36 -4.50
CA ASP A 118 -11.16 -9.36 -4.51
CA ASP A 118 -11.13 -9.70 -4.51
C ASP A 118 -11.91 -8.37 -5.41
C ASP A 118 -12.02 -8.73 -5.29
N THR A 119 -11.69 -7.04 -5.24
N THR A 119 -11.62 -7.46 -5.34
CA THR A 119 -12.42 -6.08 -6.09
CA THR A 119 -12.38 -6.42 -6.04
C THR A 119 -12.02 -6.21 -7.56
C THR A 119 -12.06 -6.46 -7.51
N CYS A 120 -10.77 -6.62 -7.84
CA CYS A 120 -10.33 -6.78 -9.24
C CYS A 120 -11.08 -7.97 -9.84
N ARG A 121 -11.17 -9.08 -9.08
CA ARG A 121 -11.89 -10.27 -9.56
C ARG A 121 -13.35 -9.94 -9.87
N LYS A 122 -13.98 -9.15 -8.98
CA LYS A 122 -15.39 -8.73 -9.14
C LYS A 122 -15.58 -7.87 -10.40
N PHE A 123 -14.67 -6.89 -10.65
CA PHE A 123 -14.78 -6.02 -11.83
C PHE A 123 -14.54 -6.81 -13.12
N ILE A 124 -13.60 -7.77 -13.09
CA ILE A 124 -13.33 -8.61 -14.27
C ILE A 124 -14.52 -9.49 -14.58
N LYS A 125 -15.09 -10.15 -13.55
CA LYS A 125 -16.26 -11.04 -13.71
C LYS A 125 -17.48 -10.27 -14.26
N ALA A 126 -17.65 -9.01 -13.83
CA ALA A 126 -18.78 -8.20 -14.31
C ALA A 126 -18.67 -7.87 -15.82
N SER A 127 -17.44 -7.82 -16.38
CA SER A 127 -17.21 -7.54 -17.80
C SER A 127 -17.32 -8.78 -18.68
N GLU A 128 -17.40 -9.98 -18.07
CA GLU A 128 -17.52 -11.23 -18.83
C GLU A 128 -18.95 -11.77 -18.85
CA ALA B 1 -16.33 13.83 16.00
C ALA B 1 -15.94 12.67 16.93
N TRP B 2 -16.32 12.76 18.19
CA TRP B 2 -16.03 11.72 19.16
C TRP B 2 -17.29 10.92 19.37
N VAL B 3 -17.14 9.60 19.56
CA VAL B 3 -18.29 8.72 19.77
C VAL B 3 -18.02 7.64 20.82
N ILE B 4 -19.09 6.91 21.20
CA ILE B 4 -18.94 5.73 22.05
C ILE B 4 -18.70 4.57 21.05
N PRO B 5 -17.51 3.97 21.02
CA PRO B 5 -17.26 2.94 19.98
C PRO B 5 -18.02 1.64 20.23
N ALA B 6 -18.33 0.89 19.14
C1 KA0 C . -1.52 -9.04 6.77
C1 KA0 C . -1.53 -9.00 6.77
O1 KA0 C . 2.02 -12.49 6.24
O1 KA0 C . -1.16 -12.66 3.41
C2 KA0 C . -0.93 -10.26 6.15
C2 KA0 C . -0.92 -10.24 6.21
O2 KA0 C . 1.76 -5.02 9.77
O2 KA0 C . 1.76 -4.99 9.79
C3 KA0 C . -1.55 -10.88 5.07
C3 KA0 C . 0.23 -10.78 6.78
C4 KA0 C . -1.01 -11.99 4.44
C4 KA0 C . 0.86 -11.89 6.24
C5 KA0 C . 0.20 -12.47 4.93
C5 KA0 C . 0.30 -12.46 5.11
C17 KA0 C . 1.10 -6.05 9.70
C17 KA0 C . 1.12 -6.03 9.71
C11 KA0 C . 0.82 -6.94 10.77
C11 KA0 C . 0.81 -6.93 10.78
C12 KA0 C . 1.02 -6.99 12.16
C12 KA0 C . 1.03 -7.00 12.17
N2 KA0 C . 0.52 -8.10 12.70
N2 KA0 C . 0.52 -8.10 12.70
N3 KA0 C . -0.04 -8.79 11.64
N3 KA0 C . -0.04 -8.79 11.63
C13 KA0 C . -0.72 -10.11 11.84
C13 KA0 C . -0.72 -10.11 11.83
C16 KA0 C . 0.01 -11.15 10.99
C16 KA0 C . -0.01 -11.16 10.98
C15 KA0 C . -0.63 -10.50 13.32
C15 KA0 C . -0.63 -10.50 13.31
C14 KA0 C . -2.17 -10.00 11.41
C14 KA0 C . -2.17 -10.00 11.40
C10 KA0 C . 0.12 -8.11 10.48
C10 KA0 C . 0.12 -8.10 10.48
N1 KA0 C . -0.33 -8.53 9.28
N1 KA0 C . -0.32 -8.50 9.27
N4 KA0 C . 0.63 -6.49 8.48
N4 KA0 C . 0.65 -6.47 8.48
C9 KA0 C . -0.04 -7.67 8.30
C9 KA0 C . -0.01 -7.65 8.30
N KA0 C . -0.36 -8.09 6.91
N KA0 C . -0.37 -8.05 6.90
C KA0 C . -0.47 -6.92 5.99
C KA0 C . -0.50 -6.88 6.00
C8 KA0 C . 0.27 -10.79 6.63
C8 KA0 C . -1.45 -10.83 5.07
C7 KA0 C . 0.82 -11.88 5.99
C7 KA0 C . -0.83 -11.94 4.54
C6 KA0 C . 2.11 -13.55 5.29
C6 KA0 C . -0.18 -13.70 3.32
O KA0 C . 0.95 -13.52 4.46
O KA0 C . 0.74 -13.55 4.39
C1 EDO D . 16.70 -9.10 -3.27
O1 EDO D . 17.97 -8.84 -2.70
C2 EDO D . 15.72 -8.10 -2.66
O2 EDO D . 16.10 -6.79 -3.03
C1 EDO E . -11.98 4.52 -18.31
O1 EDO E . -13.22 4.19 -18.91
C2 EDO E . -11.22 3.24 -17.85
O2 EDO E . -11.96 2.36 -16.99
C1 EDO F . 5.54 -12.65 -9.50
O1 EDO F . 4.97 -12.29 -10.74
C2 EDO F . 4.99 -14.04 -9.07
O2 EDO F . 5.25 -14.28 -7.69
C1 EDO G . -9.60 -6.59 -18.70
O1 EDO G . -9.61 -5.23 -19.10
C2 EDO G . -11.06 -7.09 -18.55
O2 EDO G . -11.74 -6.28 -17.60
CL CL H . -5.80 -5.03 0.56
S DMS I . 4.93 4.33 -12.58
O DMS I . 5.83 5.39 -12.11
C1 DMS I . 3.43 5.17 -13.00
C2 DMS I . 5.49 3.94 -14.22
#